data_9GBN
#
_entry.id   9GBN
#
_cell.length_a   56.356
_cell.length_b   84.229
_cell.length_c   133.728
_cell.angle_alpha   90
_cell.angle_beta   90
_cell.angle_gamma   90
#
_symmetry.space_group_name_H-M   'P 21 21 21'
#
loop_
_entity.id
_entity.type
_entity.pdbx_description
1 polymer 'Angiotensin-converting enzyme'
2 branched 2-acetamido-2-deoxy-beta-D-glucopyranose-(1-2)-alpha-D-mannopyranose-(1-3)-[2-acetamido-2-deoxy-beta-D-glucopyranose-(1-2)-alpha-D-mannopyranose-(1-6)]beta-D-mannopyranose-(1-4)-2-acetamido-2-deoxy-beta-D-glucopyranose-(1-4)-[alpha-L-fucopyranose-(1-6)]2-acetamido-2-deoxy-beta-D-glucopyranose
3 non-polymer 2-acetamido-2-deoxy-beta-D-glucopyranose
4 non-polymer 1,2-ETHANEDIOL
5 non-polymer 'ZINC ION'
6 non-polymer 'CHLORIDE ION'
7 non-polymer '(2S)-1-[(2S)-2-[[(1S)-1-[(2S)-1-[(2S)-2-azanyl-3-phenyl-propanoyl]pyrrolidin-2-yl]-2-oxidanyl-2-oxidanylidene-ethyl]amino]propanoyl]pyrrolidine-2-carboxylic acid'
8 water water
#
_entity_poly.entity_id   1
_entity_poly.type   'polypeptide(L)'
_entity_poly.pdbx_seq_one_letter_code
;LVTDEAEASKFVEEYDRTSQVVWNEYAGANWNYNTNITTETSKILLQKNMQIAQHTLKYGTQARKFDVNQLQNTTIKRII
KKVQDLERAALPAQELEEYNKILLDMETTYSVATVCHPQGSCLQLEPDLTNVMATSRKYEDLLWAWEGWRDKAGRAILQF
YPKYVELINQAARLNGYVDAGDSWRSMYETPSLEQDLERLFQELQPLYLNLHAYVRRALHRHYGAQHINLEGPIPAHLLG
NMWAQTWSNIYDLVVPFPSAPSMDTTEAMLKQGWTPRRMFKEADDFFTSLGLLPVPPEFWQKSMLEKPTDGREVVCHASA
WDFYNGKDFRIKQCTTVNLEDLVVAHHEMGHIQYFMQYKDLPVALREGANPGFHEAIGDVLALSVSTPKHLHSLNLLSSE
GGSDEHDINFLMKMALDKIAFIPFSYLVDQWRWRVFDGSITKENYNQEWWSLRLKYQGLCPPVPRTQGDFDPGAKFHIPS
SVPYIRYFVSFIIQFQFHEALCQAAGHTGPLHKCDIYQSKEAGQRLATAMKLGFSRPWPEAMQLITGQPQMSASAMLSYF
KPLLDWLRTENELHGEKLGWPQYNWTPNSARSEGPLP
;
_entity_poly.pdbx_strand_id   A
#
# COMPACT_ATOMS: atom_id res chain seq x y z
N ASP A 4 -5.63 32.58 26.72
N ASP A 4 -5.74 30.50 27.41
CA ASP A 4 -6.39 31.31 26.56
CA ASP A 4 -6.07 31.60 26.46
C ASP A 4 -6.35 30.86 25.10
C ASP A 4 -6.14 31.03 25.04
N GLU A 5 -7.08 31.60 24.25
CA GLU A 5 -7.25 31.24 22.84
C GLU A 5 -6.04 31.70 22.06
N ALA A 6 -5.54 32.90 22.40
CA ALA A 6 -4.42 33.51 21.71
C ALA A 6 -3.12 32.76 22.02
N GLU A 7 -3.00 32.17 23.21
CA GLU A 7 -1.78 31.46 23.53
C GLU A 7 -1.75 30.07 22.88
N ALA A 8 -2.92 29.46 22.65
CA ALA A 8 -2.95 28.24 21.86
C ALA A 8 -2.63 28.58 20.41
N SER A 9 -3.06 29.75 19.98
CA SER A 9 -2.80 30.22 18.63
C SER A 9 -1.28 30.41 18.37
N LYS A 10 -0.62 31.22 19.21
CA LYS A 10 0.83 31.38 19.19
C LYS A 10 1.55 30.02 19.22
N PHE A 11 1.15 29.12 20.14
CA PHE A 11 1.80 27.82 20.17
C PHE A 11 1.74 27.11 18.82
N VAL A 12 0.58 27.07 18.14
CA VAL A 12 0.53 26.19 16.98
C VAL A 12 1.30 26.88 15.85
N GLU A 13 1.31 28.21 15.83
CA GLU A 13 2.20 28.94 14.94
C GLU A 13 3.67 28.57 15.16
N GLU A 14 4.15 28.52 16.42
CA GLU A 14 5.55 28.20 16.64
C GLU A 14 5.81 26.77 16.23
N TYR A 15 4.87 25.89 16.61
CA TYR A 15 5.07 24.51 16.28
C TYR A 15 5.18 24.45 14.77
N ASP A 16 4.31 25.17 14.08
CA ASP A 16 4.32 25.00 12.64
C ASP A 16 5.67 25.43 12.02
N ARG A 17 6.20 26.58 12.47
CA ARG A 17 7.44 27.15 11.94
C ARG A 17 8.59 26.20 12.19
N THR A 18 8.70 25.73 13.44
CA THR A 18 9.84 24.91 13.83
C THR A 18 9.76 23.49 13.27
N SER A 19 8.55 22.92 13.20
CA SER A 19 8.38 21.62 12.56
C SER A 19 8.84 21.65 11.10
N GLN A 20 8.51 22.73 10.37
CA GLN A 20 8.88 22.79 8.96
C GLN A 20 10.40 22.57 8.78
N VAL A 21 11.20 23.37 9.50
CA VAL A 21 12.65 23.35 9.53
C VAL A 21 13.14 21.98 9.96
N VAL A 22 12.67 21.51 11.12
CA VAL A 22 13.19 20.25 11.64
C VAL A 22 12.76 19.05 10.77
N TRP A 23 11.50 19.06 10.31
CA TRP A 23 11.05 17.92 9.52
C TRP A 23 11.78 17.88 8.18
N ASN A 24 12.13 19.06 7.68
CA ASN A 24 12.78 19.16 6.37
C ASN A 24 14.17 18.53 6.50
N GLU A 25 14.85 18.93 7.56
CA GLU A 25 16.18 18.43 7.80
C GLU A 25 16.20 16.93 7.94
N TYR A 26 15.22 16.40 8.67
CA TYR A 26 15.16 14.97 8.82
C TYR A 26 14.82 14.31 7.48
N ALA A 27 13.89 14.89 6.71
CA ALA A 27 13.56 14.20 5.46
C ALA A 27 14.82 14.29 4.58
N GLY A 28 15.35 15.50 4.49
CA GLY A 28 16.73 15.73 4.11
C GLY A 28 17.62 14.51 4.37
N ALA A 29 17.86 14.20 5.65
CA ALA A 29 18.90 13.26 6.01
C ALA A 29 18.49 11.85 5.58
N ASN A 30 17.25 11.49 5.91
CA ASN A 30 16.65 10.23 5.55
C ASN A 30 16.71 10.01 4.03
N TRP A 31 16.53 11.06 3.22
CA TRP A 31 16.59 10.92 1.78
C TRP A 31 18.00 10.52 1.40
N ASN A 32 18.97 11.26 1.96
CA ASN A 32 20.37 11.18 1.58
C ASN A 32 20.85 9.78 1.89
N TYR A 33 20.23 9.18 2.92
CA TYR A 33 20.57 7.84 3.34
C TYR A 33 20.02 6.91 2.27
N ASN A 34 18.70 7.07 2.02
CA ASN A 34 17.94 6.11 1.26
C ASN A 34 18.49 5.97 -0.15
N THR A 35 19.12 7.03 -0.64
CA THR A 35 19.54 7.11 -2.02
C THR A 35 21.05 7.23 -2.12
N ASN A 36 21.76 6.88 -1.03
CA ASN A 36 23.22 6.81 -0.94
C ASN A 36 23.52 6.20 0.43
N ILE A 37 23.07 4.97 0.68
CA ILE A 37 23.41 4.25 1.89
C ILE A 37 24.94 4.19 1.97
N THR A 38 25.49 4.76 3.05
CA THR A 38 26.89 4.71 3.43
C THR A 38 26.85 4.79 4.96
N THR A 39 27.96 4.58 5.68
CA THR A 39 27.80 4.90 7.10
C THR A 39 27.93 6.40 7.41
N GLU A 40 28.49 7.21 6.49
CA GLU A 40 28.39 8.66 6.59
C GLU A 40 26.93 9.20 6.64
N THR A 41 26.09 8.82 5.67
CA THR A 41 24.70 9.28 5.61
C THR A 41 23.92 8.60 6.73
N SER A 42 24.32 7.38 7.03
CA SER A 42 23.69 6.64 8.10
C SER A 42 24.01 7.32 9.45
N LYS A 43 25.19 7.91 9.62
CA LYS A 43 25.48 8.59 10.88
C LYS A 43 24.75 9.92 11.00
N ILE A 44 24.60 10.63 9.87
CA ILE A 44 23.85 11.89 9.89
C ILE A 44 22.38 11.63 10.17
N LEU A 45 21.86 10.45 9.77
CA LEU A 45 20.46 10.14 9.89
C LEU A 45 20.17 9.94 11.37
N LEU A 46 21.05 9.16 11.99
CA LEU A 46 20.93 8.90 13.41
C LEU A 46 20.88 10.22 14.21
N GLN A 47 21.82 11.13 13.96
CA GLN A 47 21.78 12.41 14.62
C GLN A 47 20.47 13.17 14.33
N LYS A 48 19.94 13.08 13.10
CA LYS A 48 18.67 13.75 12.78
C LYS A 48 17.50 13.11 13.54
N ASN A 49 17.62 11.81 13.82
CA ASN A 49 16.57 11.12 14.57
C ASN A 49 16.39 11.77 15.93
N MET A 50 17.50 12.02 16.64
CA MET A 50 17.44 12.60 17.96
C MET A 50 16.93 14.04 17.84
N GLN A 51 17.37 14.73 16.79
CA GLN A 51 16.90 16.11 16.65
C GLN A 51 15.37 16.16 16.59
N ILE A 52 14.75 15.33 15.74
CA ILE A 52 13.31 15.42 15.55
C ILE A 52 12.62 14.88 16.82
N ALA A 53 13.17 13.82 17.43
CA ALA A 53 12.58 13.32 18.67
C ALA A 53 12.59 14.41 19.72
N GLN A 54 13.72 15.11 19.81
CA GLN A 54 13.86 16.20 20.76
C GLN A 54 12.85 17.33 20.48
N HIS A 55 12.57 17.66 19.23
CA HIS A 55 11.56 18.68 18.93
C HIS A 55 10.12 18.18 19.22
N THR A 56 9.85 16.92 18.88
CA THR A 56 8.58 16.23 19.17
C THR A 56 8.26 16.34 20.66
N LEU A 57 9.26 15.97 21.52
CA LEU A 57 9.15 16.00 22.96
C LEU A 57 8.89 17.42 23.43
N LYS A 58 9.73 18.36 22.99
CA LYS A 58 9.58 19.72 23.46
C LYS A 58 8.15 20.16 23.19
N TYR A 59 7.65 19.93 21.94
CA TYR A 59 6.39 20.49 21.47
C TYR A 59 5.25 19.66 22.06
N GLY A 60 5.47 18.36 22.11
CA GLY A 60 4.42 17.47 22.63
C GLY A 60 4.09 17.69 24.09
N THR A 61 5.12 18.01 24.91
CA THR A 61 5.02 18.27 26.33
C THR A 61 4.19 19.54 26.52
N GLN A 62 4.54 20.57 25.73
CA GLN A 62 3.83 21.84 25.83
C GLN A 62 2.38 21.68 25.41
N ALA A 63 2.14 21.07 24.25
CA ALA A 63 0.79 20.78 23.81
C ALA A 63 -0.03 20.05 24.90
N ARG A 64 0.60 19.13 25.65
CA ARG A 64 -0.09 18.41 26.72
C ARG A 64 -0.61 19.30 27.87
N LYS A 65 -0.19 20.57 27.93
CA LYS A 65 -0.52 21.45 29.03
C LYS A 65 -1.74 22.28 28.66
N PHE A 66 -2.18 22.17 27.42
CA PHE A 66 -3.43 22.74 26.99
C PHE A 66 -4.53 21.76 27.38
N ASP A 67 -5.41 22.23 28.26
CA ASP A 67 -6.73 21.66 28.47
C ASP A 67 -7.57 21.93 27.20
N VAL A 68 -7.66 20.91 26.36
CA VAL A 68 -8.13 21.13 25.00
C VAL A 68 -9.66 21.14 24.94
N ASN A 69 -10.32 20.65 26.02
CA ASN A 69 -11.77 20.71 26.03
C ASN A 69 -12.16 22.18 25.89
N GLN A 70 -11.45 23.01 26.67
CA GLN A 70 -11.66 24.44 26.85
C GLN A 70 -11.30 25.27 25.61
N LEU A 71 -10.79 24.61 24.56
CA LEU A 71 -10.33 25.30 23.34
C LEU A 71 -11.50 25.50 22.38
N GLN A 72 -11.76 26.77 22.13
CA GLN A 72 -12.84 27.30 21.32
C GLN A 72 -12.63 26.93 19.83
N ASN A 73 -11.52 27.41 19.25
CA ASN A 73 -11.21 27.20 17.85
C ASN A 73 -11.00 25.71 17.56
N THR A 74 -11.67 25.19 16.51
CA THR A 74 -11.63 23.76 16.28
C THR A 74 -10.36 23.34 15.51
N THR A 75 -9.88 24.16 14.58
CA THR A 75 -8.63 23.84 13.91
C THR A 75 -7.50 23.76 14.95
N ILE A 76 -7.47 24.72 15.89
CA ILE A 76 -6.40 24.83 16.86
C ILE A 76 -6.50 23.68 17.86
N LYS A 77 -7.73 23.32 18.24
CA LYS A 77 -8.01 22.17 19.11
C LYS A 77 -7.43 20.91 18.44
N ARG A 78 -7.78 20.76 17.17
CA ARG A 78 -7.36 19.59 16.40
C ARG A 78 -5.83 19.51 16.25
N ILE A 79 -5.14 20.66 15.99
CA ILE A 79 -3.68 20.61 15.84
C ILE A 79 -3.03 20.16 17.13
N ILE A 80 -3.50 20.70 18.24
CA ILE A 80 -2.84 20.56 19.53
C ILE A 80 -3.07 19.13 20.01
N LYS A 81 -4.25 18.60 19.67
CA LYS A 81 -4.59 17.25 20.10
C LYS A 81 -3.60 16.26 19.49
N LYS A 82 -3.29 16.48 18.21
CA LYS A 82 -2.27 15.73 17.47
C LYS A 82 -0.84 15.95 17.99
N VAL A 83 -0.45 17.19 18.29
CA VAL A 83 0.88 17.45 18.83
C VAL A 83 1.14 16.76 20.16
N GLN A 84 0.07 16.48 20.93
CA GLN A 84 0.22 15.81 22.20
C GLN A 84 0.62 14.33 22.05
N ASP A 85 0.55 13.80 20.83
CA ASP A 85 1.00 12.44 20.63
C ASP A 85 2.48 12.50 20.21
N LEU A 86 3.36 12.04 21.10
CA LEU A 86 4.80 12.12 20.94
C LEU A 86 5.28 10.99 20.01
N GLU A 87 4.42 10.01 19.76
CA GLU A 87 4.84 8.78 19.10
C GLU A 87 6.03 8.15 19.85
N ARG A 88 7.12 7.78 19.16
CA ARG A 88 8.23 7.07 19.77
C ARG A 88 9.00 8.01 20.70
N ALA A 89 8.76 9.33 20.57
CA ALA A 89 9.58 10.27 21.34
C ALA A 89 9.12 10.25 22.78
N ALA A 90 8.00 9.53 23.03
CA ALA A 90 7.48 9.39 24.39
C ALA A 90 8.45 8.52 25.19
N LEU A 91 9.17 7.60 24.51
CA LEU A 91 9.95 6.59 25.22
C LEU A 91 11.08 7.22 26.00
N PRO A 92 11.51 6.63 27.13
CA PRO A 92 12.74 7.06 27.79
C PRO A 92 13.90 6.83 26.82
N ALA A 93 14.93 7.67 26.98
CA ALA A 93 16.15 7.78 26.18
C ALA A 93 16.70 6.42 25.75
N GLN A 94 16.93 5.50 26.69
CA GLN A 94 17.40 4.14 26.38
C GLN A 94 16.49 3.42 25.37
N GLU A 95 15.22 3.22 25.77
CA GLU A 95 14.24 2.58 24.93
C GLU A 95 14.15 3.28 23.58
N LEU A 96 14.27 4.59 23.54
CA LEU A 96 14.07 5.26 22.26
C LEU A 96 15.21 4.85 21.34
N GLU A 97 16.44 4.87 21.89
CA GLU A 97 17.65 4.50 21.18
C GLU A 97 17.45 3.09 20.61
N GLU A 98 17.05 2.16 21.46
CA GLU A 98 16.92 0.80 21.05
C GLU A 98 15.76 0.63 20.05
N TYR A 99 14.65 1.36 20.18
CA TYR A 99 13.60 1.17 19.18
C TYR A 99 14.07 1.64 17.80
N ASN A 100 14.76 2.77 17.76
CA ASN A 100 15.17 3.33 16.48
C ASN A 100 16.09 2.33 15.78
N LYS A 101 16.85 1.62 16.61
CA LYS A 101 17.88 0.71 16.12
C LYS A 101 17.23 -0.59 15.65
N ILE A 102 16.19 -1.05 16.37
CA ILE A 102 15.36 -2.18 15.96
C ILE A 102 14.74 -1.88 14.60
N LEU A 103 14.10 -0.73 14.45
CA LEU A 103 13.50 -0.39 13.19
C LEU A 103 14.57 -0.46 12.10
N LEU A 104 15.74 0.12 12.38
CA LEU A 104 16.74 0.20 11.33
C LEU A 104 17.25 -1.21 11.01
N ASP A 105 17.51 -2.01 12.05
CA ASP A 105 18.03 -3.35 11.80
C ASP A 105 16.98 -4.23 11.11
N MET A 106 15.68 -4.03 11.40
CA MET A 106 14.69 -4.85 10.70
C MET A 106 14.67 -4.47 9.21
N GLU A 107 14.62 -3.17 8.93
CA GLU A 107 14.51 -2.70 7.55
C GLU A 107 15.70 -3.19 6.73
N THR A 108 16.90 -3.14 7.38
CA THR A 108 18.15 -3.47 6.73
C THR A 108 18.20 -4.97 6.46
N THR A 109 17.92 -5.78 7.49
CA THR A 109 17.81 -7.21 7.30
C THR A 109 16.97 -7.53 6.07
N TYR A 110 15.80 -6.91 5.93
CA TYR A 110 14.86 -7.35 4.90
C TYR A 110 15.45 -6.98 3.55
N SER A 111 16.19 -5.87 3.54
CA SER A 111 16.39 -5.34 2.22
C SER A 111 17.69 -5.91 1.67
N VAL A 112 18.55 -6.49 2.53
CA VAL A 112 19.76 -7.12 2.06
C VAL A 112 19.64 -8.66 1.98
N ALA A 113 18.50 -9.24 2.36
CA ALA A 113 18.37 -10.71 2.38
C ALA A 113 18.44 -11.25 0.95
N THR A 114 19.22 -12.31 0.77
CA THR A 114 19.35 -12.95 -0.53
C THR A 114 19.09 -14.45 -0.34
N VAL A 115 18.69 -15.13 -1.43
CA VAL A 115 18.44 -16.55 -1.48
C VAL A 115 19.44 -17.14 -2.49
N CYS A 116 20.23 -18.13 -2.08
CA CYS A 116 21.29 -18.61 -2.95
C CYS A 116 21.12 -20.09 -3.29
N HIS A 117 21.40 -20.48 -4.54
CA HIS A 117 21.67 -21.88 -4.83
C HIS A 117 23.05 -22.26 -4.31
N PRO A 118 23.27 -23.52 -3.85
CA PRO A 118 24.56 -23.91 -3.29
C PRO A 118 25.52 -23.82 -4.46
N GLN A 119 26.76 -23.39 -4.16
CA GLN A 119 27.66 -22.66 -5.07
C GLN A 119 26.95 -22.36 -6.40
N GLY A 120 26.11 -21.34 -6.38
CA GLY A 120 25.49 -20.74 -7.54
C GLY A 120 25.12 -19.31 -7.15
N SER A 121 24.14 -18.76 -7.84
CA SER A 121 23.96 -17.32 -7.70
C SER A 121 23.09 -17.03 -6.49
N CYS A 122 23.24 -15.81 -5.97
CA CYS A 122 22.35 -15.29 -4.94
C CYS A 122 21.34 -14.36 -5.59
N LEU A 123 20.10 -14.47 -5.12
CA LEU A 123 19.01 -13.76 -5.71
C LEU A 123 18.51 -12.78 -4.67
N GLN A 124 18.30 -11.55 -5.10
CA GLN A 124 17.62 -10.59 -4.27
C GLN A 124 16.13 -10.68 -4.55
N LEU A 125 15.33 -10.08 -3.67
CA LEU A 125 13.90 -10.04 -3.82
C LEU A 125 13.51 -9.37 -5.13
N GLU A 126 14.11 -8.20 -5.42
CA GLU A 126 13.78 -7.48 -6.64
C GLU A 126 15.05 -7.25 -7.46
N PRO A 127 15.11 -7.61 -8.74
CA PRO A 127 13.98 -8.21 -9.44
C PRO A 127 13.94 -9.74 -9.32
N ASP A 128 14.96 -10.37 -8.73
CA ASP A 128 15.28 -11.72 -9.18
C ASP A 128 14.22 -12.72 -8.71
N LEU A 129 13.85 -12.65 -7.43
CA LEU A 129 12.91 -13.61 -6.87
C LEU A 129 11.51 -13.27 -7.34
N THR A 130 11.21 -11.98 -7.52
CA THR A 130 9.92 -11.45 -7.96
C THR A 130 9.64 -12.01 -9.34
N ASN A 131 10.66 -11.94 -10.22
CA ASN A 131 10.54 -12.54 -11.55
C ASN A 131 10.38 -14.04 -11.43
N VAL A 132 11.09 -14.70 -10.49
CA VAL A 132 10.86 -16.14 -10.41
C VAL A 132 9.36 -16.43 -10.15
N MET A 133 8.82 -15.78 -9.13
CA MET A 133 7.46 -15.98 -8.69
C MET A 133 6.50 -15.65 -9.85
N ALA A 134 6.83 -14.59 -10.61
CA ALA A 134 5.97 -14.11 -11.70
C ALA A 134 6.00 -15.07 -12.89
N THR A 135 7.10 -15.79 -13.12
CA THR A 135 7.18 -16.34 -14.45
C THR A 135 7.42 -17.85 -14.42
N SER A 136 8.00 -18.38 -13.33
CA SER A 136 8.17 -19.83 -13.25
C SER A 136 6.79 -20.49 -13.30
N ARG A 137 6.67 -21.63 -14.02
CA ARG A 137 5.49 -22.52 -13.97
C ARG A 137 5.89 -23.91 -13.44
N LYS A 138 6.99 -23.98 -12.68
CA LYS A 138 7.44 -25.25 -12.14
C LYS A 138 7.32 -25.22 -10.63
N TYR A 139 6.54 -26.17 -10.08
CA TYR A 139 6.11 -26.14 -8.69
C TYR A 139 7.33 -26.02 -7.78
N GLU A 140 8.37 -26.78 -8.10
CA GLU A 140 9.50 -26.89 -7.20
C GLU A 140 10.35 -25.64 -7.28
N ASP A 141 10.41 -24.99 -8.45
CA ASP A 141 11.19 -23.77 -8.60
C ASP A 141 10.52 -22.61 -7.86
N LEU A 142 9.19 -22.54 -7.98
CA LEU A 142 8.41 -21.60 -7.19
C LEU A 142 8.61 -21.89 -5.70
N LEU A 143 8.65 -23.18 -5.33
CA LEU A 143 8.73 -23.46 -3.89
C LEU A 143 10.08 -23.00 -3.34
N TRP A 144 11.12 -23.27 -4.10
CA TRP A 144 12.47 -22.90 -3.74
C TRP A 144 12.50 -21.40 -3.43
N ALA A 145 11.90 -20.56 -4.28
CA ALA A 145 12.02 -19.12 -4.12
C ALA A 145 11.16 -18.70 -2.94
N TRP A 146 9.98 -19.33 -2.87
CA TRP A 146 8.98 -19.01 -1.87
C TRP A 146 9.53 -19.34 -0.48
N GLU A 147 10.00 -20.57 -0.28
CA GLU A 147 10.59 -21.07 0.95
C GLU A 147 11.87 -20.28 1.26
N GLY A 148 12.70 -20.11 0.23
CA GLY A 148 14.03 -19.51 0.46
C GLY A 148 13.86 -18.09 1.01
N TRP A 149 12.92 -17.33 0.44
CA TRP A 149 12.70 -15.95 0.86
C TRP A 149 12.28 -15.89 2.33
N ARG A 150 11.35 -16.76 2.69
CA ARG A 150 10.90 -16.90 4.08
C ARG A 150 12.06 -17.35 4.98
N ASP A 151 12.93 -18.26 4.51
CA ASP A 151 14.03 -18.83 5.28
C ASP A 151 15.02 -17.71 5.62
N LYS A 152 15.24 -16.81 4.66
CA LYS A 152 16.32 -15.84 4.77
C LYS A 152 15.77 -14.50 5.27
N ALA A 153 14.68 -13.94 4.67
CA ALA A 153 14.07 -12.73 5.24
C ALA A 153 13.23 -12.97 6.51
N GLY A 154 12.21 -13.82 6.44
CA GLY A 154 11.32 -13.92 7.59
C GLY A 154 12.05 -14.44 8.82
N ARG A 155 12.85 -15.49 8.68
CA ARG A 155 13.39 -15.96 9.95
C ARG A 155 14.37 -14.94 10.53
N ALA A 156 15.02 -14.14 9.68
CA ALA A 156 16.01 -13.24 10.24
C ALA A 156 15.33 -12.03 10.91
N ILE A 157 14.02 -11.84 10.68
CA ILE A 157 13.27 -10.77 11.33
C ILE A 157 12.89 -11.19 12.75
N LEU A 158 12.70 -12.50 12.98
CA LEU A 158 12.11 -12.98 14.22
C LEU A 158 12.85 -12.49 15.48
N GLN A 159 14.21 -12.45 15.45
CA GLN A 159 14.96 -12.09 16.65
C GLN A 159 14.67 -10.64 17.05
N PHE A 160 14.19 -9.83 16.11
CA PHE A 160 13.86 -8.43 16.39
C PHE A 160 12.42 -8.22 16.86
N TYR A 161 11.45 -9.10 16.44
CA TYR A 161 10.06 -8.69 16.46
C TYR A 161 9.56 -8.52 17.91
N PRO A 162 9.75 -9.48 18.84
CA PRO A 162 9.22 -9.31 20.19
C PRO A 162 9.60 -7.95 20.79
N LYS A 163 10.88 -7.58 20.69
CA LYS A 163 11.37 -6.34 21.28
C LYS A 163 10.72 -5.14 20.60
N TYR A 164 10.55 -5.18 19.29
CA TYR A 164 9.86 -4.14 18.57
C TYR A 164 8.44 -3.98 19.14
N VAL A 165 7.67 -5.09 19.24
CA VAL A 165 6.29 -5.03 19.71
C VAL A 165 6.30 -4.38 21.08
N GLU A 166 7.24 -4.81 21.92
CA GLU A 166 7.30 -4.30 23.26
C GLU A 166 7.46 -2.76 23.26
N LEU A 167 8.38 -2.21 22.45
CA LEU A 167 8.69 -0.79 22.49
C LEU A 167 7.62 0.04 21.75
N ILE A 168 7.07 -0.52 20.66
CA ILE A 168 6.01 0.21 19.96
C ILE A 168 4.74 0.28 20.82
N ASN A 169 4.38 -0.79 21.51
CA ASN A 169 3.24 -0.75 22.45
C ASN A 169 3.51 0.22 23.58
N GLN A 170 4.77 0.19 24.09
CA GLN A 170 5.11 1.04 25.22
C GLN A 170 4.95 2.50 24.82
N ALA A 171 5.44 2.86 23.60
CA ALA A 171 5.27 4.24 23.13
C ALA A 171 3.77 4.60 23.00
N ALA A 172 2.99 3.67 22.44
CA ALA A 172 1.57 3.91 22.36
C ALA A 172 0.91 4.09 23.74
N ARG A 173 1.25 3.26 24.73
CA ARG A 173 0.65 3.46 26.05
C ARG A 173 1.04 4.80 26.65
N LEU A 174 2.29 5.21 26.38
CA LEU A 174 2.79 6.47 26.89
C LEU A 174 2.06 7.61 26.18
N ASN A 175 1.48 7.40 25.00
CA ASN A 175 0.71 8.49 24.42
C ASN A 175 -0.81 8.36 24.70
N GLY A 176 -1.24 7.39 25.52
CA GLY A 176 -2.60 7.33 26.02
C GLY A 176 -3.41 6.26 25.28
N TYR A 177 -2.76 5.46 24.41
CA TYR A 177 -3.45 4.36 23.76
C TYR A 177 -3.27 3.08 24.58
N VAL A 178 -3.97 1.96 24.23
CA VAL A 178 -3.82 0.73 25.00
C VAL A 178 -2.66 -0.11 24.45
N ASP A 179 -2.39 0.06 23.14
CA ASP A 179 -1.34 -0.66 22.43
C ASP A 179 -1.18 -0.04 21.04
N ALA A 180 -0.18 -0.50 20.28
CA ALA A 180 0.22 0.19 19.09
C ALA A 180 -0.89 0.06 18.05
N GLY A 181 -1.60 -1.07 18.06
CA GLY A 181 -2.73 -1.27 17.15
C GLY A 181 -3.82 -0.22 17.35
N ASP A 182 -4.18 -0.01 18.60
CA ASP A 182 -5.16 1.00 18.95
C ASP A 182 -4.70 2.37 18.40
N SER A 183 -3.43 2.73 18.66
N SER A 183 -3.42 2.70 18.60
CA SER A 183 -2.84 3.92 18.07
CA SER A 183 -2.89 3.93 18.07
C SER A 183 -3.03 3.92 16.55
C SER A 183 -2.96 3.95 16.55
N TRP A 184 -2.71 2.82 15.89
CA TRP A 184 -2.81 2.83 14.44
C TRP A 184 -4.27 3.02 13.97
N ARG A 185 -5.21 2.30 14.57
CA ARG A 185 -6.61 2.40 14.16
C ARG A 185 -7.13 3.83 14.41
N SER A 186 -6.54 4.55 15.38
CA SER A 186 -7.06 5.88 15.71
C SER A 186 -6.81 6.86 14.55
N MET A 187 -5.90 6.54 13.63
CA MET A 187 -5.68 7.38 12.47
C MET A 187 -6.95 7.60 11.63
N TYR A 188 -7.94 6.71 11.71
CA TYR A 188 -9.20 6.82 10.98
C TYR A 188 -10.25 7.61 11.75
N GLU A 189 -10.03 7.85 13.06
CA GLU A 189 -11.04 8.56 13.86
C GLU A 189 -12.45 8.01 13.63
N THR A 190 -12.56 6.69 13.63
CA THR A 190 -13.80 6.00 13.31
C THR A 190 -13.95 4.87 14.32
N PRO A 191 -14.67 5.15 15.42
CA PRO A 191 -14.87 4.21 16.53
C PRO A 191 -15.43 2.89 15.96
N SER A 192 -16.20 2.95 14.86
CA SER A 192 -16.83 1.73 14.31
C SER A 192 -15.92 1.02 13.27
N LEU A 193 -14.63 1.42 13.20
CA LEU A 193 -13.72 1.00 12.13
C LEU A 193 -13.75 -0.52 11.93
N GLU A 194 -13.50 -1.30 13.00
CA GLU A 194 -13.31 -2.71 12.84
C GLU A 194 -14.57 -3.34 12.26
N GLN A 195 -15.75 -2.98 12.72
CA GLN A 195 -16.94 -3.61 12.17
C GLN A 195 -17.20 -3.13 10.73
N ASP A 196 -16.94 -1.84 10.46
CA ASP A 196 -17.15 -1.27 9.14
C ASP A 196 -16.27 -2.02 8.16
N LEU A 197 -14.98 -2.26 8.51
CA LEU A 197 -14.08 -2.99 7.62
C LEU A 197 -14.54 -4.41 7.39
N GLU A 198 -15.01 -5.09 8.45
CA GLU A 198 -15.56 -6.43 8.36
C GLU A 198 -16.76 -6.51 7.41
N ARG A 199 -17.68 -5.58 7.49
CA ARG A 199 -18.83 -5.59 6.61
C ARG A 199 -18.37 -5.44 5.16
N LEU A 200 -17.39 -4.58 4.93
CA LEU A 200 -16.92 -4.34 3.58
C LEU A 200 -16.24 -5.60 3.08
N PHE A 201 -15.47 -6.26 3.96
CA PHE A 201 -14.83 -7.48 3.52
C PHE A 201 -15.88 -8.56 3.20
N GLN A 202 -16.92 -8.66 4.05
CA GLN A 202 -18.00 -9.61 3.78
C GLN A 202 -18.71 -9.34 2.45
N GLU A 203 -18.76 -8.07 2.04
CA GLU A 203 -19.46 -7.75 0.81
C GLU A 203 -18.71 -8.31 -0.39
N LEU A 204 -17.38 -8.38 -0.34
CA LEU A 204 -16.58 -8.84 -1.44
C LEU A 204 -16.36 -10.35 -1.40
N GLN A 205 -16.98 -11.11 -0.52
CA GLN A 205 -16.74 -12.55 -0.49
C GLN A 205 -17.31 -13.29 -1.72
N PRO A 206 -18.54 -13.02 -2.19
CA PRO A 206 -18.95 -13.70 -3.42
C PRO A 206 -17.97 -13.52 -4.58
N LEU A 207 -17.41 -12.33 -4.76
CA LEU A 207 -16.53 -12.14 -5.89
C LEU A 207 -15.21 -12.88 -5.64
N TYR A 208 -14.61 -12.67 -4.44
CA TYR A 208 -13.43 -13.38 -3.99
C TYR A 208 -13.64 -14.90 -4.05
N LEU A 209 -14.61 -15.43 -3.33
CA LEU A 209 -14.80 -16.89 -3.43
C LEU A 209 -14.89 -17.41 -4.87
N ASN A 210 -15.61 -16.73 -5.78
CA ASN A 210 -15.72 -17.18 -7.16
C ASN A 210 -14.38 -17.02 -7.88
N LEU A 211 -13.67 -15.92 -7.58
CA LEU A 211 -12.37 -15.81 -8.24
C LEU A 211 -11.45 -16.97 -7.81
N HIS A 212 -11.40 -17.20 -6.50
CA HIS A 212 -10.62 -18.25 -5.88
C HIS A 212 -10.94 -19.60 -6.47
N ALA A 213 -12.24 -19.91 -6.54
CA ALA A 213 -12.54 -21.24 -7.08
C ALA A 213 -12.10 -21.39 -8.54
N TYR A 214 -12.29 -20.35 -9.39
CA TYR A 214 -11.96 -20.47 -10.80
C TYR A 214 -10.45 -20.60 -10.96
N VAL A 215 -9.69 -19.79 -10.16
CA VAL A 215 -8.24 -19.83 -10.20
C VAL A 215 -7.77 -21.21 -9.74
N ARG A 216 -8.35 -21.75 -8.68
CA ARG A 216 -7.94 -23.06 -8.21
C ARG A 216 -8.13 -24.16 -9.28
N ARG A 217 -9.24 -24.09 -10.02
CA ARG A 217 -9.48 -25.09 -11.05
C ARG A 217 -8.42 -24.89 -12.14
N ALA A 218 -8.08 -23.63 -12.44
CA ALA A 218 -7.05 -23.41 -13.48
C ALA A 218 -5.68 -23.91 -12.99
N LEU A 219 -5.39 -23.76 -11.69
CA LEU A 219 -4.11 -24.30 -11.18
C LEU A 219 -4.13 -25.83 -11.24
N HIS A 220 -5.28 -26.39 -10.87
CA HIS A 220 -5.44 -27.84 -10.91
C HIS A 220 -5.07 -28.35 -12.33
N ARG A 221 -5.54 -27.62 -13.34
CA ARG A 221 -5.33 -28.02 -14.72
C ARG A 221 -3.84 -27.97 -15.04
N HIS A 222 -3.11 -26.97 -14.52
CA HIS A 222 -1.70 -26.79 -14.84
C HIS A 222 -0.80 -27.63 -13.93
N TYR A 223 -1.03 -27.57 -12.62
CA TYR A 223 -0.12 -28.18 -11.68
C TYR A 223 -0.49 -29.61 -11.35
N GLY A 224 -1.65 -30.07 -11.82
CA GLY A 224 -1.91 -31.45 -11.53
C GLY A 224 -2.82 -31.71 -10.34
N ALA A 225 -3.67 -32.73 -10.51
CA ALA A 225 -4.69 -33.11 -9.54
C ALA A 225 -4.00 -33.51 -8.23
N GLN A 226 -2.84 -34.17 -8.32
CA GLN A 226 -2.19 -34.52 -7.07
C GLN A 226 -1.73 -33.31 -6.27
N HIS A 227 -1.61 -32.12 -6.86
CA HIS A 227 -1.08 -30.95 -6.14
C HIS A 227 -2.09 -29.83 -5.85
N ILE A 228 -3.36 -29.94 -6.33
CA ILE A 228 -4.39 -28.95 -6.06
C ILE A 228 -5.62 -29.69 -5.52
N ASN A 229 -6.07 -29.36 -4.31
CA ASN A 229 -7.30 -29.99 -3.86
C ASN A 229 -8.49 -29.09 -4.29
N LEU A 230 -9.47 -29.61 -5.06
CA LEU A 230 -10.50 -28.73 -5.64
C LEU A 230 -11.48 -28.20 -4.58
N GLU A 231 -11.39 -28.71 -3.32
CA GLU A 231 -12.20 -28.25 -2.19
C GLU A 231 -11.33 -27.68 -1.06
N GLY A 232 -10.07 -27.39 -1.38
CA GLY A 232 -9.11 -27.06 -0.32
C GLY A 232 -8.50 -25.69 -0.58
N PRO A 233 -7.61 -25.23 0.32
CA PRO A 233 -6.91 -23.95 0.09
C PRO A 233 -5.92 -24.07 -1.09
N ILE A 234 -5.55 -22.96 -1.75
CA ILE A 234 -4.56 -22.99 -2.81
C ILE A 234 -3.17 -22.92 -2.19
N PRO A 235 -2.16 -23.70 -2.60
CA PRO A 235 -0.80 -23.47 -2.11
C PRO A 235 -0.29 -22.07 -2.47
N ALA A 236 0.36 -21.42 -1.51
CA ALA A 236 0.55 -19.97 -1.48
C ALA A 236 1.66 -19.55 -2.44
N HIS A 237 2.36 -20.51 -3.09
CA HIS A 237 3.46 -20.11 -3.97
C HIS A 237 3.06 -20.08 -5.45
N LEU A 238 1.77 -20.27 -5.77
CA LEU A 238 1.42 -20.58 -7.16
C LEU A 238 0.68 -19.39 -7.81
N LEU A 239 0.64 -18.25 -7.13
CA LEU A 239 -0.20 -17.14 -7.59
C LEU A 239 0.57 -16.04 -8.30
N GLY A 240 1.84 -16.26 -8.61
CA GLY A 240 2.58 -15.35 -9.46
C GLY A 240 3.25 -14.20 -8.65
N ASN A 241 3.15 -14.25 -7.32
CA ASN A 241 3.55 -13.14 -6.47
C ASN A 241 4.03 -13.75 -5.14
N MET A 242 5.07 -13.15 -4.56
CA MET A 242 5.74 -13.70 -3.40
C MET A 242 4.78 -13.87 -2.22
N TRP A 243 3.83 -12.96 -2.06
CA TRP A 243 2.88 -12.99 -0.96
C TRP A 243 1.49 -13.45 -1.41
N ALA A 244 1.34 -13.88 -2.68
CA ALA A 244 0.01 -14.20 -3.26
C ALA A 244 -0.95 -13.04 -3.04
N GLN A 245 -0.46 -11.79 -3.08
CA GLN A 245 -1.33 -10.73 -2.60
C GLN A 245 -1.96 -10.13 -3.86
N THR A 246 -1.37 -10.37 -5.03
CA THR A 246 -2.05 -10.08 -6.28
C THR A 246 -1.73 -11.22 -7.21
N TRP A 247 -2.64 -11.54 -8.13
CA TRP A 247 -2.52 -12.77 -8.89
C TRP A 247 -2.38 -12.54 -10.41
N SER A 248 -2.16 -11.31 -10.87
CA SER A 248 -2.20 -11.09 -12.32
C SER A 248 -1.02 -11.70 -13.08
N ASN A 249 0.04 -12.18 -12.41
CA ASN A 249 1.11 -12.81 -13.17
C ASN A 249 0.69 -14.21 -13.62
N ILE A 250 -0.40 -14.76 -13.10
CA ILE A 250 -0.91 -16.02 -13.68
C ILE A 250 -2.13 -15.85 -14.59
N TYR A 251 -2.28 -14.65 -15.14
CA TYR A 251 -3.33 -14.45 -16.12
C TYR A 251 -3.21 -15.46 -17.26
N ASP A 252 -1.98 -15.76 -17.67
CA ASP A 252 -1.76 -16.72 -18.75
C ASP A 252 -2.43 -18.07 -18.48
N LEU A 253 -2.44 -18.53 -17.23
CA LEU A 253 -3.07 -19.80 -16.85
C LEU A 253 -4.57 -19.62 -16.69
N VAL A 254 -5.10 -18.39 -16.52
CA VAL A 254 -6.49 -18.35 -16.15
C VAL A 254 -7.38 -17.63 -17.17
N VAL A 255 -6.84 -17.21 -18.32
CA VAL A 255 -7.60 -16.35 -19.23
C VAL A 255 -9.01 -16.92 -19.46
N PRO A 256 -10.11 -16.15 -19.26
CA PRO A 256 -11.45 -16.65 -19.57
C PRO A 256 -11.61 -17.05 -21.02
N PHE A 257 -11.08 -16.20 -21.91
CA PHE A 257 -11.29 -16.45 -23.36
C PHE A 257 -9.95 -16.50 -24.09
N PRO A 258 -9.23 -17.65 -24.09
CA PRO A 258 -7.97 -17.79 -24.84
C PRO A 258 -8.19 -17.38 -26.30
N SER A 259 -9.43 -17.47 -26.77
CA SER A 259 -9.68 -17.12 -28.15
C SER A 259 -9.47 -15.62 -28.40
N ALA A 260 -9.57 -14.76 -27.38
CA ALA A 260 -9.33 -13.34 -27.58
C ALA A 260 -7.96 -12.99 -26.96
N PRO A 261 -6.86 -13.00 -27.76
CA PRO A 261 -5.51 -12.98 -27.17
C PRO A 261 -5.22 -11.50 -26.91
N SER A 262 -4.36 -11.19 -25.94
CA SER A 262 -4.09 -9.75 -25.84
C SER A 262 -2.60 -9.48 -25.66
N MET A 263 -2.22 -8.21 -25.84
CA MET A 263 -0.85 -7.92 -26.15
C MET A 263 0.02 -8.03 -24.93
N ASP A 264 1.31 -8.24 -25.16
CA ASP A 264 2.22 -8.32 -24.03
C ASP A 264 2.62 -6.91 -23.56
N THR A 265 1.95 -6.40 -22.52
CA THR A 265 2.03 -5.01 -22.11
C THR A 265 3.49 -4.65 -21.85
N THR A 266 4.06 -5.42 -20.90
CA THR A 266 5.50 -5.52 -20.67
C THR A 266 6.32 -5.67 -21.95
N GLU A 267 5.99 -6.62 -22.85
CA GLU A 267 6.79 -6.67 -24.07
C GLU A 267 6.66 -5.40 -24.92
N ALA A 268 5.48 -4.79 -24.96
CA ALA A 268 5.29 -3.62 -25.83
C ALA A 268 5.97 -2.39 -25.22
N MET A 269 5.96 -2.27 -23.88
CA MET A 269 6.67 -1.16 -23.24
C MET A 269 8.16 -1.25 -23.57
N LEU A 270 8.73 -2.41 -23.23
CA LEU A 270 10.10 -2.73 -23.63
C LEU A 270 10.21 -2.50 -25.15
N LYS A 271 9.43 -3.25 -25.95
CA LYS A 271 9.49 -3.14 -27.39
C LYS A 271 9.54 -1.68 -27.83
N GLN A 272 8.85 -0.78 -27.11
CA GLN A 272 8.82 0.60 -27.55
C GLN A 272 9.83 1.45 -26.77
N GLY A 273 10.68 0.81 -25.98
CA GLY A 273 11.69 1.55 -25.21
C GLY A 273 11.05 2.64 -24.35
N TRP A 274 10.11 2.20 -23.54
CA TRP A 274 9.65 3.02 -22.43
C TRP A 274 10.76 3.10 -21.38
N THR A 275 11.03 4.27 -20.81
CA THR A 275 11.99 4.27 -19.72
C THR A 275 11.25 4.56 -18.41
N PRO A 276 11.89 4.40 -17.22
CA PRO A 276 11.28 4.92 -15.98
C PRO A 276 10.69 6.33 -16.04
N ARG A 277 11.36 7.22 -16.78
CA ARG A 277 11.01 8.63 -16.85
C ARG A 277 9.73 8.85 -17.63
N ARG A 278 9.59 8.10 -18.72
CA ARG A 278 8.40 8.21 -19.55
C ARG A 278 7.18 7.75 -18.74
N MET A 279 7.38 6.71 -17.95
CA MET A 279 6.39 6.16 -17.06
C MET A 279 5.83 7.23 -16.12
N PHE A 280 6.72 8.02 -15.50
CA PHE A 280 6.33 9.05 -14.54
C PHE A 280 5.85 10.30 -15.27
N LYS A 281 6.44 10.55 -16.45
CA LYS A 281 5.98 11.62 -17.33
C LYS A 281 4.51 11.39 -17.73
N GLU A 282 4.15 10.15 -18.11
CA GLU A 282 2.77 9.75 -18.39
C GLU A 282 1.82 9.90 -17.20
N ALA A 283 2.28 9.51 -16.01
CA ALA A 283 1.57 9.78 -14.76
C ALA A 283 1.35 11.28 -14.57
N ASP A 284 2.40 12.11 -14.74
CA ASP A 284 2.21 13.53 -14.57
C ASP A 284 1.16 14.05 -15.56
N ASP A 285 1.23 13.54 -16.81
CA ASP A 285 0.34 14.02 -17.86
C ASP A 285 -1.12 13.71 -17.47
N PHE A 286 -1.35 12.52 -16.91
CA PHE A 286 -2.70 12.19 -16.51
C PHE A 286 -3.18 13.14 -15.42
N PHE A 287 -2.30 13.40 -14.41
CA PHE A 287 -2.72 14.33 -13.39
C PHE A 287 -3.12 15.68 -13.99
N THR A 288 -2.23 16.25 -14.81
CA THR A 288 -2.51 17.57 -15.35
C THR A 288 -3.67 17.53 -16.35
N SER A 289 -4.00 16.38 -16.97
CA SER A 289 -5.18 16.31 -17.84
C SER A 289 -6.48 16.57 -17.04
N LEU A 290 -6.43 16.21 -15.76
CA LEU A 290 -7.57 16.39 -14.87
C LEU A 290 -7.62 17.79 -14.29
N GLY A 291 -6.68 18.65 -14.68
CA GLY A 291 -6.58 19.96 -14.08
C GLY A 291 -5.88 19.90 -12.71
N LEU A 292 -5.36 18.72 -12.30
CA LEU A 292 -4.56 18.60 -11.08
C LEU A 292 -3.16 19.20 -11.31
N LEU A 293 -2.34 19.24 -10.25
CA LEU A 293 -1.14 20.06 -10.31
C LEU A 293 -0.02 19.25 -10.92
N PRO A 294 0.84 19.88 -11.76
CA PRO A 294 2.03 19.19 -12.30
C PRO A 294 3.05 19.05 -11.17
N VAL A 295 3.89 18.01 -11.16
CA VAL A 295 5.00 18.01 -10.21
C VAL A 295 5.99 19.12 -10.58
N PRO A 296 6.62 19.84 -9.59
CA PRO A 296 7.46 21.00 -9.89
C PRO A 296 8.71 20.58 -10.64
N PRO A 297 9.46 21.52 -11.29
CA PRO A 297 10.71 21.14 -11.97
C PRO A 297 11.68 20.43 -11.02
N GLU A 298 11.72 20.91 -9.76
CA GLU A 298 12.55 20.32 -8.73
C GLU A 298 12.37 18.80 -8.60
N PHE A 299 11.11 18.32 -8.72
CA PHE A 299 10.81 16.90 -8.57
C PHE A 299 11.64 16.11 -9.58
N TRP A 300 11.74 16.66 -10.79
CA TRP A 300 12.41 15.95 -11.87
C TRP A 300 13.91 15.92 -11.59
N GLN A 301 14.44 17.06 -11.12
CA GLN A 301 15.85 17.16 -10.79
C GLN A 301 16.25 16.21 -9.67
N LYS A 302 15.41 16.02 -8.62
CA LYS A 302 15.95 15.43 -7.40
C LYS A 302 15.43 14.01 -7.14
N SER A 303 14.36 13.61 -7.83
CA SER A 303 13.76 12.32 -7.51
C SER A 303 14.71 11.23 -7.95
N MET A 304 14.56 10.03 -7.44
CA MET A 304 15.34 8.94 -8.01
C MET A 304 14.34 7.94 -8.60
N LEU A 305 14.31 7.85 -9.94
CA LEU A 305 13.30 7.07 -10.65
C LEU A 305 13.82 5.71 -11.14
N GLU A 306 15.11 5.41 -10.95
CA GLU A 306 15.60 4.08 -11.29
C GLU A 306 16.79 3.74 -10.40
N LYS A 307 17.00 2.46 -10.09
CA LYS A 307 18.21 2.01 -9.41
C LYS A 307 19.43 2.78 -9.93
N PRO A 308 20.11 3.66 -9.14
CA PRO A 308 21.34 4.35 -9.58
C PRO A 308 22.42 3.44 -10.12
N THR A 309 23.27 4.06 -10.92
CA THR A 309 24.16 3.36 -11.82
C THR A 309 25.59 3.82 -11.57
N ASP A 310 25.79 4.81 -10.68
CA ASP A 310 27.13 5.21 -10.27
C ASP A 310 27.62 4.24 -9.18
N GLY A 311 27.00 3.05 -9.08
CA GLY A 311 27.33 2.03 -8.09
C GLY A 311 27.02 2.45 -6.64
N ARG A 312 26.39 3.64 -6.43
CA ARG A 312 25.86 4.05 -5.13
C ARG A 312 24.72 3.13 -4.77
N GLU A 313 24.55 2.86 -3.46
CA GLU A 313 23.60 1.87 -2.98
C GLU A 313 22.35 2.54 -2.33
N VAL A 314 21.16 1.96 -2.60
CA VAL A 314 19.89 2.62 -2.33
C VAL A 314 18.85 1.62 -1.81
N VAL A 315 17.79 2.15 -1.15
CA VAL A 315 16.66 1.36 -0.68
C VAL A 315 15.66 1.33 -1.84
N CYS A 316 15.14 0.15 -2.20
CA CYS A 316 14.51 0.04 -3.51
C CYS A 316 12.99 0.13 -3.52
N HIS A 317 12.33 -0.15 -2.40
CA HIS A 317 10.89 -0.05 -2.31
C HIS A 317 10.44 1.34 -2.75
N ALA A 318 9.44 1.34 -3.64
CA ALA A 318 8.84 2.56 -4.16
C ALA A 318 8.27 3.32 -2.97
N SER A 319 8.50 4.62 -2.96
CA SER A 319 7.99 5.51 -1.93
C SER A 319 7.98 6.95 -2.46
N ALA A 320 7.03 7.72 -1.91
CA ALA A 320 6.79 9.14 -2.18
C ALA A 320 7.17 9.92 -0.94
N TRP A 321 7.84 11.05 -1.14
CA TRP A 321 8.50 11.83 -0.08
C TRP A 321 8.03 13.29 -0.06
N ASP A 322 7.51 13.75 1.08
CA ASP A 322 7.26 15.15 1.34
C ASP A 322 8.39 15.70 2.22
N PHE A 323 8.97 16.83 1.84
CA PHE A 323 10.11 17.36 2.57
C PHE A 323 9.67 18.53 3.43
N TYR A 324 8.36 18.81 3.46
CA TYR A 324 7.80 19.71 4.45
C TYR A 324 8.16 21.16 4.18
N ASN A 325 8.50 21.51 2.92
CA ASN A 325 8.73 22.91 2.60
C ASN A 325 7.79 23.39 1.50
N GLY A 326 6.80 22.58 1.09
CA GLY A 326 5.78 23.10 0.20
C GLY A 326 6.27 23.27 -1.25
N LYS A 327 7.48 22.79 -1.54
CA LYS A 327 8.22 23.07 -2.77
C LYS A 327 8.88 21.77 -3.23
N ASP A 328 9.36 20.95 -2.30
CA ASP A 328 10.22 19.83 -2.65
C ASP A 328 9.52 18.51 -2.37
N PHE A 329 9.23 17.76 -3.42
CA PHE A 329 8.51 16.50 -3.26
C PHE A 329 9.21 15.49 -4.15
N ARG A 330 9.34 14.25 -3.69
CA ARG A 330 10.21 13.39 -4.47
C ARG A 330 9.68 11.97 -4.49
N ILE A 331 10.13 11.21 -5.47
CA ILE A 331 9.82 9.80 -5.48
C ILE A 331 11.13 9.03 -5.58
N LYS A 332 11.18 7.95 -4.82
CA LYS A 332 12.27 7.03 -4.92
C LYS A 332 11.73 5.65 -5.22
N GLN A 333 12.03 5.17 -6.43
CA GLN A 333 11.59 3.87 -6.87
C GLN A 333 12.61 3.30 -7.86
N CYS A 334 12.90 2.00 -7.72
CA CYS A 334 13.79 1.35 -8.64
C CYS A 334 12.88 0.78 -9.74
N THR A 335 12.42 1.66 -10.64
CA THR A 335 11.34 1.32 -11.55
C THR A 335 11.83 0.23 -12.50
N THR A 336 11.10 -0.90 -12.61
CA THR A 336 11.20 -1.85 -13.71
C THR A 336 10.27 -1.37 -14.83
N VAL A 337 10.66 -1.48 -16.12
CA VAL A 337 9.78 -1.12 -17.23
C VAL A 337 8.78 -2.26 -17.47
N ASN A 338 7.61 -2.21 -16.81
CA ASN A 338 6.51 -3.16 -16.95
C ASN A 338 5.18 -2.57 -16.45
N LEU A 339 4.09 -3.34 -16.56
CA LEU A 339 2.76 -2.81 -16.31
C LEU A 339 2.60 -2.52 -14.82
N GLU A 340 3.04 -3.47 -13.96
CA GLU A 340 2.89 -3.37 -12.53
C GLU A 340 3.49 -2.05 -12.05
N ASP A 341 4.65 -1.75 -12.61
CA ASP A 341 5.44 -0.64 -12.12
C ASP A 341 4.82 0.65 -12.64
N LEU A 342 4.19 0.55 -13.81
CA LEU A 342 3.53 1.78 -14.29
C LEU A 342 2.37 2.16 -13.33
N VAL A 343 1.64 1.17 -12.79
CA VAL A 343 0.59 1.40 -11.82
C VAL A 343 1.23 2.00 -10.56
N VAL A 344 2.28 1.33 -10.03
CA VAL A 344 3.01 1.87 -8.90
C VAL A 344 3.50 3.31 -9.18
N ALA A 345 4.05 3.58 -10.38
CA ALA A 345 4.35 4.98 -10.64
C ALA A 345 3.12 5.86 -10.37
N HIS A 346 1.93 5.37 -10.73
CA HIS A 346 0.74 6.22 -10.61
C HIS A 346 0.47 6.39 -9.10
N HIS A 347 0.47 5.26 -8.39
CA HIS A 347 0.32 5.13 -6.97
C HIS A 347 1.15 6.19 -6.25
N GLU A 348 2.46 6.22 -6.52
CA GLU A 348 3.41 7.15 -5.91
C GLU A 348 3.09 8.59 -6.31
N MET A 349 2.83 8.80 -7.59
CA MET A 349 2.47 10.13 -8.10
C MET A 349 1.18 10.65 -7.43
N GLY A 350 0.27 9.77 -7.06
CA GLY A 350 -0.91 10.15 -6.30
C GLY A 350 -0.53 10.70 -4.91
N HIS A 351 0.40 10.01 -4.24
CA HIS A 351 0.99 10.58 -3.02
C HIS A 351 1.52 11.98 -3.26
N ILE A 352 2.32 12.15 -4.31
CA ILE A 352 2.90 13.47 -4.53
C ILE A 352 1.80 14.52 -4.76
N GLN A 353 0.72 14.09 -5.44
CA GLN A 353 -0.26 15.10 -5.80
C GLN A 353 -0.90 15.60 -4.49
N TYR A 354 -1.11 14.66 -3.58
CA TYR A 354 -1.74 14.99 -2.33
C TYR A 354 -0.85 15.98 -1.55
N PHE A 355 0.46 15.69 -1.44
CA PHE A 355 1.47 16.55 -0.81
C PHE A 355 1.31 17.96 -1.36
N MET A 356 1.17 18.05 -2.69
CA MET A 356 1.08 19.37 -3.29
C MET A 356 -0.27 20.04 -3.01
N GLN A 357 -1.36 19.25 -2.89
CA GLN A 357 -2.68 19.84 -2.73
C GLN A 357 -2.83 20.47 -1.33
N TYR A 358 -2.22 19.83 -0.34
CA TYR A 358 -2.41 20.29 1.04
C TYR A 358 -1.21 21.03 1.61
N LYS A 359 -0.29 21.46 0.73
CA LYS A 359 0.99 21.97 1.19
C LYS A 359 0.83 23.33 1.87
N ASP A 360 -0.36 23.92 1.83
CA ASP A 360 -0.47 25.20 2.53
C ASP A 360 -1.15 25.06 3.89
N LEU A 361 -1.48 23.84 4.25
CA LEU A 361 -2.05 23.66 5.56
C LEU A 361 -0.91 23.76 6.55
N PRO A 362 -1.21 23.99 7.83
CA PRO A 362 -0.30 23.57 8.91
C PRO A 362 0.22 22.13 8.77
N VAL A 363 1.53 21.94 9.01
CA VAL A 363 2.17 20.63 8.90
C VAL A 363 1.36 19.56 9.65
N ALA A 364 0.78 19.86 10.81
CA ALA A 364 0.07 18.84 11.58
C ALA A 364 -1.13 18.33 10.81
N LEU A 365 -1.63 19.11 9.83
CA LEU A 365 -2.81 18.79 9.03
C LEU A 365 -2.44 18.28 7.63
N ARG A 366 -1.14 18.14 7.36
CA ARG A 366 -0.59 17.68 6.09
C ARG A 366 -0.58 16.16 6.08
N GLU A 367 -1.76 15.57 5.99
CA GLU A 367 -1.86 14.14 5.84
C GLU A 367 -3.10 13.92 5.03
N GLY A 368 -3.40 12.69 4.69
CA GLY A 368 -4.60 12.51 3.90
C GLY A 368 -5.80 12.52 4.83
N ALA A 369 -7.00 12.53 4.25
CA ALA A 369 -8.20 12.62 5.05
C ALA A 369 -8.22 11.42 6.02
N ASN A 370 -7.77 10.28 5.51
CA ASN A 370 -7.31 9.15 6.32
C ASN A 370 -6.23 8.45 5.51
N PRO A 371 -5.45 7.50 6.09
CA PRO A 371 -4.37 6.87 5.35
C PRO A 371 -4.84 6.18 4.07
N GLY A 372 -6.03 5.58 4.09
CA GLY A 372 -6.63 4.98 2.90
C GLY A 372 -6.79 5.99 1.76
N PHE A 373 -7.19 7.23 2.06
CA PHE A 373 -7.34 8.20 1.00
C PHE A 373 -6.01 8.45 0.30
N HIS A 374 -4.97 8.54 1.09
CA HIS A 374 -3.65 8.82 0.55
C HIS A 374 -3.25 7.70 -0.42
N GLU A 375 -3.52 6.43 -0.04
CA GLU A 375 -3.09 5.30 -0.86
C GLU A 375 -3.94 5.23 -2.13
N ALA A 376 -5.14 5.81 -2.09
CA ALA A 376 -6.13 5.59 -3.14
C ALA A 376 -5.92 6.48 -4.37
N ILE A 377 -5.37 7.68 -4.24
CA ILE A 377 -5.40 8.74 -5.26
C ILE A 377 -4.83 8.20 -6.59
N GLY A 378 -3.59 7.70 -6.54
CA GLY A 378 -2.91 7.26 -7.74
C GLY A 378 -3.67 6.10 -8.36
N ASP A 379 -4.21 5.23 -7.53
CA ASP A 379 -4.80 3.99 -8.00
C ASP A 379 -6.02 4.33 -8.83
N VAL A 380 -6.73 5.39 -8.41
CA VAL A 380 -7.90 5.85 -9.13
C VAL A 380 -7.52 6.16 -10.59
N LEU A 381 -6.49 7.00 -10.74
CA LEU A 381 -6.04 7.41 -12.05
C LEU A 381 -5.63 6.15 -12.80
N ALA A 382 -4.92 5.26 -12.09
CA ALA A 382 -4.42 4.03 -12.70
C ALA A 382 -5.55 3.08 -13.15
N LEU A 383 -6.73 3.15 -12.54
CA LEU A 383 -7.82 2.33 -13.05
C LEU A 383 -8.15 2.78 -14.49
N SER A 384 -8.15 4.08 -14.72
CA SER A 384 -8.41 4.59 -16.05
C SER A 384 -7.25 4.22 -17.00
N VAL A 385 -6.02 4.28 -16.50
CA VAL A 385 -4.82 4.01 -17.27
C VAL A 385 -4.91 2.58 -17.86
N SER A 386 -5.35 1.60 -17.05
CA SER A 386 -5.41 0.17 -17.36
C SER A 386 -6.52 -0.16 -18.31
N THR A 387 -7.42 0.79 -18.60
CA THR A 387 -8.41 0.41 -19.59
C THR A 387 -7.75 0.04 -20.94
N PRO A 388 -8.35 -0.94 -21.65
CA PRO A 388 -7.95 -1.25 -23.03
C PRO A 388 -7.93 0.01 -23.88
N LYS A 389 -8.91 0.91 -23.68
CA LYS A 389 -8.95 2.14 -24.45
C LYS A 389 -7.69 2.97 -24.14
N HIS A 390 -7.32 3.08 -22.85
CA HIS A 390 -6.18 3.93 -22.55
C HIS A 390 -4.88 3.25 -23.00
N LEU A 391 -4.72 1.96 -22.66
CA LEU A 391 -3.52 1.21 -23.04
C LEU A 391 -3.27 1.32 -24.55
N HIS A 392 -4.36 1.21 -25.33
CA HIS A 392 -4.29 1.40 -26.76
C HIS A 392 -3.75 2.79 -27.08
N SER A 393 -4.23 3.85 -26.41
CA SER A 393 -3.79 5.23 -26.71
C SER A 393 -2.29 5.38 -26.42
N LEU A 394 -1.71 4.49 -25.62
CA LEU A 394 -0.31 4.59 -25.27
C LEU A 394 0.49 3.64 -26.14
N ASN A 395 -0.20 2.99 -27.08
CA ASN A 395 0.40 2.01 -27.98
C ASN A 395 0.85 0.71 -27.28
N LEU A 396 0.04 0.20 -26.36
CA LEU A 396 0.41 -0.99 -25.60
C LEU A 396 -0.64 -2.07 -25.81
N LEU A 397 -1.66 -1.83 -26.63
CA LEU A 397 -2.68 -2.84 -26.90
C LEU A 397 -3.18 -2.55 -28.30
N SER A 398 -3.74 -3.57 -28.99
CA SER A 398 -4.21 -3.37 -30.36
C SER A 398 -5.59 -2.70 -30.47
N SER A 399 -6.48 -2.84 -29.47
CA SER A 399 -7.83 -2.25 -29.47
C SER A 399 -8.13 -1.51 -28.17
N GLY A 402 -13.14 -4.12 -28.43
CA GLY A 402 -14.30 -4.76 -29.08
C GLY A 402 -15.17 -5.61 -28.13
N SER A 403 -14.92 -6.92 -28.17
CA SER A 403 -15.90 -7.97 -27.89
C SER A 403 -16.20 -8.17 -26.40
N ASP A 404 -17.23 -8.98 -26.13
CA ASP A 404 -17.57 -9.46 -24.78
C ASP A 404 -16.38 -10.24 -24.22
N GLU A 405 -15.69 -10.96 -25.11
CA GLU A 405 -14.55 -11.74 -24.69
C GLU A 405 -13.45 -10.83 -24.17
N HIS A 406 -13.11 -9.77 -24.91
CA HIS A 406 -11.98 -8.91 -24.53
C HIS A 406 -12.35 -8.31 -23.17
N ASP A 407 -13.62 -7.97 -23.04
CA ASP A 407 -14.17 -7.33 -21.89
C ASP A 407 -14.00 -8.24 -20.65
N ILE A 408 -14.35 -9.52 -20.78
CA ILE A 408 -14.28 -10.43 -19.64
C ILE A 408 -12.83 -10.72 -19.30
N ASN A 409 -11.99 -10.86 -20.35
CA ASN A 409 -10.54 -10.93 -20.19
C ASN A 409 -9.98 -9.75 -19.37
N PHE A 410 -10.33 -8.50 -19.71
CA PHE A 410 -9.82 -7.33 -18.98
C PHE A 410 -10.33 -7.31 -17.54
N LEU A 411 -11.61 -7.65 -17.32
CA LEU A 411 -12.11 -7.71 -15.95
C LEU A 411 -11.32 -8.70 -15.09
N MET A 412 -11.05 -9.88 -15.69
CA MET A 412 -10.26 -10.92 -15.05
C MET A 412 -8.88 -10.36 -14.71
N LYS A 413 -8.25 -9.69 -15.67
CA LYS A 413 -6.95 -9.12 -15.38
C LYS A 413 -7.02 -8.18 -14.18
N MET A 414 -8.09 -7.38 -14.13
CA MET A 414 -8.28 -6.39 -13.07
C MET A 414 -8.60 -7.09 -11.76
N ALA A 415 -9.36 -8.18 -11.86
CA ALA A 415 -9.73 -8.96 -10.68
C ALA A 415 -8.50 -9.54 -9.98
N LEU A 416 -7.56 -10.12 -10.75
CA LEU A 416 -6.41 -10.80 -10.16
C LEU A 416 -5.54 -9.75 -9.43
N ASP A 417 -5.57 -8.46 -9.82
CA ASP A 417 -5.00 -7.37 -9.03
C ASP A 417 -5.94 -6.93 -7.92
N LYS A 418 -7.16 -6.51 -8.21
CA LYS A 418 -7.95 -5.78 -7.25
C LYS A 418 -8.66 -6.70 -6.28
N ILE A 419 -9.39 -7.71 -6.74
CA ILE A 419 -10.15 -8.62 -5.88
C ILE A 419 -9.21 -9.52 -5.05
N ALA A 420 -8.22 -10.19 -5.66
CA ALA A 420 -7.31 -11.05 -4.90
C ALA A 420 -6.67 -10.27 -3.74
N PHE A 421 -6.45 -8.97 -3.90
CA PHE A 421 -5.71 -8.23 -2.85
C PHE A 421 -6.59 -7.97 -1.64
N ILE A 422 -7.93 -8.10 -1.79
CA ILE A 422 -8.82 -7.66 -0.73
C ILE A 422 -8.53 -8.47 0.54
N PRO A 423 -8.54 -9.83 0.51
CA PRO A 423 -8.34 -10.57 1.76
C PRO A 423 -6.95 -10.38 2.32
N PHE A 424 -5.97 -10.30 1.42
CA PHE A 424 -4.61 -10.11 1.86
C PHE A 424 -4.48 -8.78 2.62
N SER A 425 -5.01 -7.71 2.03
CA SER A 425 -4.83 -6.38 2.60
C SER A 425 -5.64 -6.29 3.89
N TYR A 426 -6.68 -7.10 3.95
CA TYR A 426 -7.45 -7.17 5.19
C TYR A 426 -6.69 -7.89 6.32
N LEU A 427 -5.99 -9.00 6.04
CA LEU A 427 -5.54 -9.87 7.11
C LEU A 427 -4.29 -9.34 7.80
N VAL A 428 -3.52 -8.55 7.10
CA VAL A 428 -2.20 -8.17 7.62
C VAL A 428 -2.32 -7.52 9.00
N ASP A 429 -3.12 -6.48 9.10
CA ASP A 429 -3.31 -5.81 10.37
C ASP A 429 -4.29 -6.55 11.26
N GLN A 430 -5.17 -7.43 10.72
CA GLN A 430 -5.83 -8.29 11.71
C GLN A 430 -4.80 -9.06 12.53
N TRP A 431 -3.76 -9.57 11.89
CA TRP A 431 -2.68 -10.24 12.61
C TRP A 431 -1.92 -9.29 13.55
N ARG A 432 -1.49 -8.14 13.03
CA ARG A 432 -0.71 -7.24 13.87
C ARG A 432 -1.54 -6.64 15.01
N TRP A 433 -2.82 -6.38 14.77
CA TRP A 433 -3.61 -5.86 15.87
C TRP A 433 -3.63 -6.80 17.04
N ARG A 434 -3.61 -8.10 16.70
CA ARG A 434 -3.72 -9.08 17.76
C ARG A 434 -2.34 -9.34 18.37
N VAL A 435 -1.26 -9.22 17.58
CA VAL A 435 0.06 -9.19 18.19
C VAL A 435 0.16 -8.02 19.18
N PHE A 436 -0.26 -6.83 18.73
CA PHE A 436 -0.01 -5.67 19.58
C PHE A 436 -0.85 -5.75 20.86
N ASP A 437 -2.04 -6.33 20.72
CA ASP A 437 -2.85 -6.38 21.91
C ASP A 437 -2.51 -7.60 22.76
N GLY A 438 -1.48 -8.41 22.40
CA GLY A 438 -1.08 -9.52 23.27
C GLY A 438 -1.85 -10.83 23.04
N SER A 439 -2.85 -10.84 22.17
CA SER A 439 -3.62 -12.05 21.79
C SER A 439 -2.73 -13.08 21.08
N ILE A 440 -1.81 -12.60 20.23
CA ILE A 440 -0.82 -13.44 19.57
C ILE A 440 0.52 -13.19 20.26
N THR A 441 1.20 -14.25 20.71
CA THR A 441 2.48 -14.08 21.38
C THR A 441 3.53 -14.63 20.41
N LYS A 442 4.82 -14.43 20.72
CA LYS A 442 5.87 -14.97 19.88
C LYS A 442 5.76 -16.49 19.76
N GLU A 443 5.10 -17.17 20.68
CA GLU A 443 5.02 -18.61 20.53
C GLU A 443 4.14 -18.96 19.34
N ASN A 444 3.20 -18.11 18.99
CA ASN A 444 2.31 -18.46 17.90
C ASN A 444 2.20 -17.38 16.81
N TYR A 445 3.21 -16.51 16.67
CA TYR A 445 3.13 -15.57 15.55
C TYR A 445 2.72 -16.28 14.25
N ASN A 446 3.50 -17.31 13.91
CA ASN A 446 3.47 -17.90 12.60
C ASN A 446 2.16 -18.67 12.39
N GLN A 447 1.78 -19.48 13.40
CA GLN A 447 0.59 -20.32 13.32
C GLN A 447 -0.59 -19.36 13.13
N GLU A 448 -0.57 -18.20 13.82
CA GLU A 448 -1.74 -17.30 13.73
C GLU A 448 -1.77 -16.55 12.39
N TRP A 449 -0.62 -16.23 11.86
CA TRP A 449 -0.54 -15.78 10.47
C TRP A 449 -1.20 -16.77 9.50
N TRP A 450 -0.78 -18.04 9.56
CA TRP A 450 -1.33 -19.04 8.64
C TRP A 450 -2.81 -19.29 8.89
N SER A 451 -3.28 -19.10 10.14
CA SER A 451 -4.71 -19.21 10.38
C SER A 451 -5.47 -18.16 9.58
N LEU A 452 -4.86 -16.99 9.45
CA LEU A 452 -5.57 -15.87 8.83
C LEU A 452 -5.38 -16.01 7.35
N ARG A 453 -4.19 -16.52 6.94
CA ARG A 453 -3.94 -16.75 5.51
C ARG A 453 -4.99 -17.73 4.93
N LEU A 454 -5.32 -18.73 5.73
CA LEU A 454 -6.31 -19.74 5.41
C LEU A 454 -7.69 -19.08 5.48
N LYS A 455 -8.01 -18.49 6.62
CA LYS A 455 -9.39 -18.06 6.82
C LYS A 455 -9.81 -16.99 5.80
N TYR A 456 -8.92 -16.05 5.52
CA TYR A 456 -9.27 -14.93 4.67
C TYR A 456 -8.95 -15.21 3.20
N GLN A 457 -7.75 -15.70 2.88
CA GLN A 457 -7.34 -15.83 1.50
C GLN A 457 -7.61 -17.25 1.02
N GLY A 458 -7.78 -18.24 1.93
CA GLY A 458 -7.98 -19.59 1.37
C GLY A 458 -6.66 -20.14 0.82
N LEU A 459 -5.52 -19.77 1.47
CA LEU A 459 -4.23 -20.29 0.98
C LEU A 459 -3.66 -21.21 2.05
N CYS A 460 -2.75 -22.11 1.66
CA CYS A 460 -2.03 -22.97 2.60
C CYS A 460 -0.56 -22.85 2.23
N PRO A 461 0.33 -23.09 3.20
CA PRO A 461 1.77 -22.98 2.92
C PRO A 461 2.13 -24.26 2.14
N PRO A 462 2.91 -24.18 1.05
CA PRO A 462 3.33 -25.37 0.28
C PRO A 462 4.26 -26.29 1.06
N VAL A 463 4.93 -25.78 2.11
CA VAL A 463 5.67 -26.66 2.96
C VAL A 463 5.28 -26.34 4.39
N PRO A 464 5.26 -27.35 5.29
CA PRO A 464 5.03 -27.15 6.72
C PRO A 464 5.96 -26.09 7.32
N ARG A 465 5.39 -25.23 8.16
CA ARG A 465 6.17 -24.24 8.84
C ARG A 465 6.61 -24.89 10.15
N THR A 466 7.74 -24.42 10.67
CA THR A 466 8.27 -25.02 11.87
C THR A 466 8.63 -23.85 12.78
N GLN A 467 8.86 -24.18 14.03
CA GLN A 467 9.21 -23.13 14.97
C GLN A 467 10.46 -22.41 14.46
N GLY A 468 10.54 -21.10 14.61
CA GLY A 468 11.65 -20.40 13.96
C GLY A 468 11.22 -19.72 12.66
N ASP A 469 10.14 -20.20 12.04
CA ASP A 469 9.70 -19.45 10.88
C ASP A 469 8.96 -18.21 11.37
N PHE A 470 9.05 -17.11 10.61
CA PHE A 470 8.30 -15.91 10.89
C PHE A 470 7.96 -15.32 9.53
N ASP A 471 7.00 -15.98 8.88
CA ASP A 471 6.60 -15.56 7.54
C ASP A 471 6.20 -14.08 7.47
N PRO A 472 5.48 -13.47 8.46
CA PRO A 472 5.12 -12.06 8.35
C PRO A 472 6.34 -11.21 8.07
N GLY A 473 7.45 -11.55 8.71
CA GLY A 473 8.62 -10.71 8.55
C GLY A 473 9.15 -10.79 7.11
N ALA A 474 8.64 -11.74 6.31
CA ALA A 474 8.99 -11.75 4.89
C ALA A 474 8.18 -10.78 4.02
N LYS A 475 7.29 -10.00 4.59
CA LYS A 475 6.55 -8.99 3.85
C LYS A 475 7.05 -7.60 4.28
N PHE A 476 7.40 -6.73 3.35
CA PHE A 476 8.15 -5.52 3.71
C PHE A 476 7.57 -4.73 4.90
N HIS A 477 6.27 -4.44 4.84
CA HIS A 477 5.65 -3.52 5.77
C HIS A 477 5.74 -4.00 7.22
N ILE A 478 5.97 -5.30 7.47
CA ILE A 478 6.08 -5.84 8.83
C ILE A 478 7.38 -5.37 9.48
N PRO A 479 8.57 -5.72 8.90
CA PRO A 479 9.81 -5.15 9.42
C PRO A 479 9.91 -3.62 9.29
N SER A 480 9.21 -3.02 8.31
CA SER A 480 9.29 -1.56 8.21
C SER A 480 8.22 -0.89 9.07
N SER A 481 7.29 -1.64 9.67
CA SER A 481 6.36 -1.04 10.62
C SER A 481 5.54 0.02 9.88
N VAL A 482 5.05 -0.34 8.68
CA VAL A 482 4.14 0.55 7.99
C VAL A 482 2.74 -0.04 8.13
N PRO A 483 1.73 0.69 8.65
CA PRO A 483 0.38 0.11 8.78
C PRO A 483 -0.15 -0.36 7.42
N TYR A 484 -1.02 -1.36 7.43
CA TYR A 484 -1.38 -2.00 6.17
C TYR A 484 -2.89 -1.87 5.86
N ILE A 485 -3.71 -1.60 6.87
CA ILE A 485 -5.16 -1.57 6.64
C ILE A 485 -5.48 -0.47 5.61
N ARG A 486 -4.62 0.56 5.51
CA ARG A 486 -4.82 1.65 4.58
C ARG A 486 -4.97 1.05 3.16
N TYR A 487 -4.34 -0.10 2.90
CA TYR A 487 -4.40 -0.59 1.54
C TYR A 487 -5.75 -1.29 1.32
N PHE A 488 -6.35 -1.87 2.37
CA PHE A 488 -7.65 -2.50 2.20
C PHE A 488 -8.68 -1.40 2.00
N VAL A 489 -8.51 -0.33 2.77
CA VAL A 489 -9.36 0.83 2.64
C VAL A 489 -9.19 1.42 1.24
N SER A 490 -7.94 1.68 0.84
CA SER A 490 -7.65 2.21 -0.49
C SER A 490 -8.43 1.41 -1.54
N PHE A 491 -8.33 0.09 -1.48
CA PHE A 491 -8.85 -0.73 -2.57
C PHE A 491 -10.36 -0.63 -2.66
N ILE A 492 -11.04 -0.40 -1.54
CA ILE A 492 -12.49 -0.20 -1.60
C ILE A 492 -12.84 1.17 -2.15
N ILE A 493 -12.27 2.18 -1.50
CA ILE A 493 -12.70 3.53 -1.75
C ILE A 493 -12.16 3.96 -3.11
N GLN A 494 -11.10 3.31 -3.65
CA GLN A 494 -10.67 3.73 -4.97
C GLN A 494 -11.77 3.48 -6.03
N PHE A 495 -12.61 2.43 -5.89
CA PHE A 495 -13.64 2.17 -6.89
C PHE A 495 -14.77 3.17 -6.67
N GLN A 496 -14.99 3.54 -5.40
CA GLN A 496 -16.04 4.53 -5.20
C GLN A 496 -15.62 5.86 -5.83
N PHE A 497 -14.31 6.20 -5.71
CA PHE A 497 -13.82 7.42 -6.29
C PHE A 497 -13.98 7.35 -7.80
N HIS A 498 -13.54 6.23 -8.35
CA HIS A 498 -13.62 6.05 -9.78
C HIS A 498 -15.08 6.19 -10.22
N GLU A 499 -16.00 5.47 -9.56
CA GLU A 499 -17.41 5.65 -9.92
C GLU A 499 -17.87 7.12 -9.87
N ALA A 500 -17.55 7.83 -8.76
CA ALA A 500 -17.96 9.24 -8.63
C ALA A 500 -17.30 10.10 -9.72
N LEU A 501 -16.02 9.84 -10.04
CA LEU A 501 -15.39 10.72 -11.03
C LEU A 501 -15.89 10.41 -12.44
N CYS A 502 -16.20 9.15 -12.71
CA CYS A 502 -16.78 8.74 -13.98
C CYS A 502 -18.12 9.44 -14.18
N GLN A 503 -18.95 9.41 -13.13
CA GLN A 503 -20.19 10.20 -13.06
C GLN A 503 -19.86 11.70 -13.29
N ALA A 504 -18.87 12.30 -12.62
CA ALA A 504 -18.62 13.72 -12.83
C ALA A 504 -18.25 13.99 -14.28
N ALA A 505 -17.60 13.00 -14.90
CA ALA A 505 -17.02 13.10 -16.22
C ALA A 505 -18.08 12.85 -17.29
N GLY A 506 -19.31 12.46 -16.92
CA GLY A 506 -20.37 12.17 -17.86
C GLY A 506 -20.30 10.79 -18.55
N HIS A 507 -19.40 9.90 -18.12
CA HIS A 507 -19.38 8.57 -18.68
C HIS A 507 -20.72 7.86 -18.45
N THR A 508 -21.24 7.11 -19.42
CA THR A 508 -22.34 6.22 -19.10
C THR A 508 -22.01 4.84 -19.64
N GLY A 509 -22.88 3.88 -19.27
CA GLY A 509 -22.64 2.47 -19.51
C GLY A 509 -21.74 1.83 -18.42
N PRO A 510 -21.19 0.63 -18.69
CA PRO A 510 -20.52 -0.12 -17.62
C PRO A 510 -19.36 0.70 -17.01
N LEU A 511 -19.24 0.69 -15.67
CA LEU A 511 -18.23 1.45 -14.95
C LEU A 511 -16.81 1.09 -15.39
N HIS A 512 -16.56 -0.20 -15.71
CA HIS A 512 -15.18 -0.59 -15.98
C HIS A 512 -14.73 -0.13 -17.37
N LYS A 513 -15.62 0.50 -18.15
CA LYS A 513 -15.22 1.02 -19.45
C LYS A 513 -14.89 2.49 -19.29
N CYS A 514 -15.00 2.98 -18.07
CA CYS A 514 -14.86 4.41 -17.94
C CYS A 514 -13.39 4.76 -18.00
N ASP A 515 -13.10 5.90 -18.58
CA ASP A 515 -11.74 6.38 -18.53
C ASP A 515 -11.84 7.86 -18.34
N ILE A 516 -11.32 8.36 -17.23
CA ILE A 516 -11.59 9.75 -16.93
C ILE A 516 -10.49 10.64 -17.49
N TYR A 517 -9.59 10.12 -18.35
CA TYR A 517 -8.55 10.99 -18.92
C TYR A 517 -9.09 12.32 -19.42
N GLN A 518 -8.48 13.44 -18.97
CA GLN A 518 -8.71 14.81 -19.39
C GLN A 518 -9.98 15.39 -18.76
N SER A 519 -10.61 14.69 -17.82
CA SER A 519 -11.85 15.22 -17.24
C SER A 519 -11.60 16.24 -16.15
N LYS A 520 -11.96 17.49 -16.45
CA LYS A 520 -11.64 18.55 -15.53
C LYS A 520 -12.63 18.48 -14.38
N GLU A 521 -13.87 18.06 -14.68
CA GLU A 521 -14.84 17.86 -13.60
C GLU A 521 -14.30 16.80 -12.62
N ALA A 522 -13.69 15.75 -13.18
CA ALA A 522 -13.17 14.73 -12.31
C ALA A 522 -12.01 15.32 -11.49
N GLY A 523 -11.13 16.13 -12.10
CA GLY A 523 -10.05 16.66 -11.29
C GLY A 523 -10.62 17.47 -10.11
N GLN A 524 -11.53 18.41 -10.37
CA GLN A 524 -12.02 19.33 -9.33
C GLN A 524 -12.55 18.55 -8.12
N ARG A 525 -13.24 17.44 -8.32
CA ARG A 525 -13.71 16.69 -7.17
C ARG A 525 -12.53 16.23 -6.30
N LEU A 526 -11.49 15.72 -6.96
CA LEU A 526 -10.36 15.19 -6.22
C LEU A 526 -9.61 16.32 -5.49
N ALA A 527 -9.35 17.40 -6.21
CA ALA A 527 -8.59 18.53 -5.68
C ALA A 527 -9.25 19.10 -4.42
N THR A 528 -10.56 19.32 -4.48
CA THR A 528 -11.29 19.87 -3.34
C THR A 528 -11.06 18.98 -2.12
N ALA A 529 -11.20 17.66 -2.31
CA ALA A 529 -11.02 16.74 -1.19
C ALA A 529 -9.55 16.75 -0.73
N MET A 530 -8.59 16.69 -1.66
CA MET A 530 -7.19 16.61 -1.26
C MET A 530 -6.78 17.89 -0.51
N LYS A 531 -7.36 19.02 -0.89
CA LYS A 531 -6.97 20.29 -0.31
C LYS A 531 -7.25 20.31 1.18
N LEU A 532 -8.27 19.57 1.63
CA LEU A 532 -8.63 19.50 3.04
C LEU A 532 -7.52 18.93 3.91
N GLY A 533 -6.64 18.11 3.33
CA GLY A 533 -5.63 17.44 4.12
C GLY A 533 -6.29 16.63 5.23
N PHE A 534 -5.81 16.86 6.45
CA PHE A 534 -6.39 16.22 7.60
C PHE A 534 -7.18 17.22 8.45
N SER A 535 -7.73 18.30 7.83
CA SER A 535 -8.40 19.36 8.58
C SER A 535 -9.81 18.97 9.01
N ARG A 536 -10.40 17.95 8.38
CA ARG A 536 -11.79 17.68 8.75
C ARG A 536 -12.01 16.18 8.79
N PRO A 537 -13.04 15.65 9.46
CA PRO A 537 -13.18 14.19 9.59
C PRO A 537 -13.25 13.65 8.16
N TRP A 538 -12.77 12.43 7.94
CA TRP A 538 -12.63 12.01 6.55
C TRP A 538 -13.99 11.88 5.88
N PRO A 539 -15.13 11.65 6.57
CA PRO A 539 -16.41 11.53 5.86
C PRO A 539 -16.72 12.77 5.03
N GLU A 540 -16.07 13.89 5.35
CA GLU A 540 -16.32 15.11 4.58
C GLU A 540 -15.58 15.05 3.24
N ALA A 541 -14.33 14.56 3.25
CA ALA A 541 -13.66 14.39 1.98
C ALA A 541 -14.43 13.34 1.19
N MET A 542 -14.82 12.23 1.81
CA MET A 542 -15.59 11.25 1.05
C MET A 542 -16.82 11.89 0.33
N GLN A 543 -17.54 12.72 1.08
CA GLN A 543 -18.74 13.38 0.59
C GLN A 543 -18.41 14.39 -0.52
N LEU A 544 -17.28 15.12 -0.40
CA LEU A 544 -16.80 15.93 -1.50
C LEU A 544 -16.67 15.07 -2.77
N ILE A 545 -16.01 13.92 -2.66
CA ILE A 545 -15.78 13.18 -3.90
C ILE A 545 -17.04 12.48 -4.38
N THR A 546 -17.81 11.81 -3.50
CA THR A 546 -18.79 10.80 -3.93
C THR A 546 -20.24 11.28 -3.72
N GLY A 547 -20.39 12.43 -3.07
CA GLY A 547 -21.73 12.93 -2.73
C GLY A 547 -22.35 12.23 -1.53
N GLN A 548 -21.68 11.23 -0.93
CA GLN A 548 -22.17 10.64 0.30
C GLN A 548 -20.96 10.35 1.20
N PRO A 549 -21.13 10.03 2.51
CA PRO A 549 -19.98 10.02 3.43
C PRO A 549 -19.45 8.68 3.92
N GLN A 550 -20.02 7.56 3.44
CA GLN A 550 -19.60 6.24 3.84
C GLN A 550 -18.57 5.59 2.90
N MET A 551 -17.77 4.70 3.48
CA MET A 551 -17.09 3.70 2.69
C MET A 551 -18.15 2.71 2.22
N SER A 552 -18.00 2.18 0.99
CA SER A 552 -18.99 1.27 0.44
C SER A 552 -18.37 0.37 -0.65
N ALA A 553 -18.62 -0.95 -0.61
CA ALA A 553 -18.11 -1.85 -1.62
C ALA A 553 -18.97 -1.79 -2.90
N SER A 554 -20.06 -1.00 -2.91
CA SER A 554 -21.01 -1.16 -4.01
C SER A 554 -20.36 -0.75 -5.34
N ALA A 555 -19.44 0.23 -5.32
CA ALA A 555 -18.76 0.59 -6.55
C ALA A 555 -17.84 -0.52 -7.05
N MET A 556 -17.01 -1.09 -6.15
CA MET A 556 -16.17 -2.18 -6.59
C MET A 556 -17.08 -3.31 -7.13
N LEU A 557 -18.18 -3.59 -6.46
CA LEU A 557 -19.02 -4.68 -6.95
C LEU A 557 -19.54 -4.36 -8.35
N SER A 558 -19.97 -3.13 -8.55
CA SER A 558 -20.64 -2.70 -9.77
C SER A 558 -19.59 -2.82 -10.87
N TYR A 559 -18.37 -2.32 -10.61
CA TYR A 559 -17.29 -2.46 -11.56
C TYR A 559 -17.17 -3.92 -11.99
N PHE A 560 -17.16 -4.87 -11.03
CA PHE A 560 -16.82 -6.26 -11.32
C PHE A 560 -18.03 -7.13 -11.74
N LYS A 561 -19.24 -6.58 -11.70
CA LYS A 561 -20.48 -7.33 -11.82
C LYS A 561 -20.52 -8.23 -13.06
N PRO A 562 -20.11 -7.78 -14.26
CA PRO A 562 -20.06 -8.68 -15.42
C PRO A 562 -19.14 -9.86 -15.13
N LEU A 563 -18.07 -9.66 -14.36
CA LEU A 563 -17.13 -10.75 -14.10
C LEU A 563 -17.74 -11.70 -13.08
N LEU A 564 -18.45 -11.13 -12.10
CA LEU A 564 -19.14 -11.98 -11.13
C LEU A 564 -20.10 -12.92 -11.86
N ASP A 565 -20.91 -12.41 -12.77
CA ASP A 565 -21.87 -13.24 -13.47
C ASP A 565 -21.16 -14.35 -14.23
N TRP A 566 -20.08 -13.96 -14.93
CA TRP A 566 -19.33 -14.90 -15.74
C TRP A 566 -18.72 -16.00 -14.86
N LEU A 567 -18.11 -15.62 -13.75
CA LEU A 567 -17.46 -16.59 -12.84
C LEU A 567 -18.52 -17.53 -12.26
N ARG A 568 -19.71 -16.98 -11.90
CA ARG A 568 -20.75 -17.87 -11.38
C ARG A 568 -21.14 -18.94 -12.39
N THR A 569 -21.49 -18.51 -13.61
CA THR A 569 -21.87 -19.43 -14.66
C THR A 569 -20.78 -20.50 -14.81
N GLU A 570 -19.53 -20.05 -14.91
CA GLU A 570 -18.38 -20.92 -15.20
C GLU A 570 -18.16 -21.87 -14.03
N ASN A 571 -18.23 -21.35 -12.80
CA ASN A 571 -17.98 -22.15 -11.60
C ASN A 571 -19.12 -23.18 -11.49
N GLU A 572 -20.34 -22.74 -11.77
CA GLU A 572 -21.48 -23.63 -11.62
C GLU A 572 -21.39 -24.74 -12.66
N LEU A 573 -20.93 -24.41 -13.87
CA LEU A 573 -20.80 -25.42 -14.93
C LEU A 573 -19.90 -26.58 -14.48
N HIS A 574 -18.85 -26.27 -13.71
CA HIS A 574 -17.86 -27.26 -13.35
C HIS A 574 -18.19 -27.90 -12.02
N GLY A 575 -19.22 -27.39 -11.31
CA GLY A 575 -19.59 -27.83 -9.97
C GLY A 575 -18.66 -27.34 -8.86
N GLU A 576 -18.07 -26.13 -8.99
CA GLU A 576 -17.04 -25.81 -8.00
C GLU A 576 -17.69 -25.75 -6.63
N LYS A 577 -16.99 -26.14 -5.57
CA LYS A 577 -17.49 -25.82 -4.24
C LYS A 577 -16.74 -24.59 -3.77
N LEU A 578 -17.43 -23.46 -3.56
CA LEU A 578 -16.83 -22.19 -3.16
C LEU A 578 -16.26 -22.35 -1.76
N GLY A 579 -15.09 -21.76 -1.49
CA GLY A 579 -14.52 -21.89 -0.14
C GLY A 579 -13.60 -23.11 -0.05
N TRP A 580 -13.20 -23.47 1.16
CA TRP A 580 -12.15 -24.47 1.34
C TRP A 580 -12.44 -25.20 2.64
N PRO A 581 -13.51 -26.01 2.74
CA PRO A 581 -13.73 -26.77 3.98
C PRO A 581 -12.68 -27.82 4.47
#